data_3WZQ
#
_entry.id   3WZQ
#
_cell.length_a   77.424
_cell.length_b   77.414
_cell.length_c   172.834
_cell.angle_alpha   90.00
_cell.angle_beta   90.00
_cell.angle_gamma   90.00
#
_symmetry.space_group_name_H-M   'C 2 2 21'
#
loop_
_entity.id
_entity.type
_entity.pdbx_description
1 polymer Streptavidin
2 non-polymer '6-({5-[(2E,3aS,4S,6aR)-2-iminohexahydro-1H-thieno[3,4-d]imidazol-4-yl]pentanoyl}amino)hexanoic acid'
3 non-polymer 'HEXAETHYLENE GLYCOL'
4 water water
#
_entity_poly.entity_id   1
_entity_poly.type   'polypeptide(L)'
_entity_poly.pdbx_seq_one_letter_code
;MASMTGGQQMGRGSAEAGITGTWSDQLGDTFIVTAGADGALTGTYENAVGNAESRYVLTGRYDSAPATDGSGTALGWTVA
WKNNSKNAHSATTWSGQYVGGADAKINTQWLLTSGTTNANAWKSTLVGHDTFTKVKPSAASHHHHHH
;
_entity_poly.pdbx_strand_id   A,B,C,D
#
loop_
_chem_comp.id
_chem_comp.type
_chem_comp.name
_chem_comp.formula
P6G non-polymer 'HEXAETHYLENE GLYCOL' 'C12 H26 O7'
ZOF non-polymer '6-({5-[(2E,3aS,4S,6aR)-2-iminohexahydro-1H-thieno[3,4-d]imidazol-4-yl]pentanoyl}amino)hexanoic acid' 'C16 H28 N4 O3 S'
#
# COMPACT_ATOMS: atom_id res chain seq x y z
N GLY A 13 23.29 -20.89 -9.42
CA GLY A 13 22.54 -19.77 -8.82
C GLY A 13 21.62 -19.17 -9.89
N SER A 14 20.56 -19.89 -10.22
CA SER A 14 19.52 -19.41 -11.14
C SER A 14 18.90 -18.04 -10.78
N ALA A 15 18.23 -17.97 -9.60
CA ALA A 15 17.65 -16.68 -9.14
C ALA A 15 18.82 -15.77 -8.75
N GLU A 16 19.87 -16.35 -8.17
CA GLU A 16 21.09 -15.63 -7.79
C GLU A 16 21.70 -14.89 -9.02
N ALA A 17 21.94 -15.60 -10.13
CA ALA A 17 22.46 -14.94 -11.31
C ALA A 17 21.45 -14.03 -12.05
N GLY A 18 20.16 -14.35 -11.99
CA GLY A 18 19.13 -13.54 -12.62
C GLY A 18 19.06 -12.15 -11.98
N ILE A 19 18.98 -12.11 -10.66
CA ILE A 19 18.81 -10.85 -9.90
C ILE A 19 20.06 -10.01 -9.92
N THR A 20 21.21 -10.64 -9.71
CA THR A 20 22.42 -9.88 -9.64
C THR A 20 22.72 -9.07 -10.90
N GLY A 21 23.09 -7.77 -10.76
CA GLY A 21 23.43 -6.95 -11.96
C GLY A 21 22.90 -5.51 -11.75
N THR A 22 22.86 -4.78 -12.85
CA THR A 22 22.41 -3.40 -12.84
C THR A 22 20.99 -3.32 -13.46
N TRP A 23 20.13 -2.54 -12.84
CA TRP A 23 18.70 -2.47 -13.20
C TRP A 23 18.32 -1.00 -13.31
N SER A 24 17.26 -0.69 -14.05
CA SER A 24 16.81 0.67 -14.26
C SER A 24 15.34 0.69 -14.05
N ASP A 25 14.87 1.68 -13.30
CA ASP A 25 13.43 1.73 -13.00
C ASP A 25 12.76 2.61 -13.99
N GLN A 26 11.44 2.80 -13.83
CA GLN A 26 10.72 3.61 -14.80
C GLN A 26 11.00 5.12 -14.67
N LEU A 27 11.47 5.55 -13.50
CA LEU A 27 11.92 6.96 -13.30
C LEU A 27 13.27 7.25 -13.93
N GLY A 28 14.01 6.20 -14.33
CA GLY A 28 15.38 6.34 -14.83
C GLY A 28 16.52 6.17 -13.81
N ASP A 29 16.19 5.89 -12.54
CA ASP A 29 17.23 5.68 -11.57
C ASP A 29 17.79 4.25 -11.71
N THR A 30 19.02 4.04 -11.20
CA THR A 30 19.75 2.78 -11.34
C THR A 30 19.89 2.08 -9.99
N PHE A 31 19.81 0.75 -10.07
CA PHE A 31 19.79 -0.12 -8.92
CA PHE A 31 19.94 -0.09 -8.87
C PHE A 31 20.85 -1.21 -9.22
N ILE A 32 21.98 -1.22 -8.50
CA ILE A 32 23.02 -2.22 -8.66
C ILE A 32 22.82 -3.20 -7.53
N VAL A 33 22.63 -4.48 -7.84
CA VAL A 33 22.26 -5.44 -6.78
C VAL A 33 23.12 -6.71 -6.92
N THR A 34 23.51 -7.28 -5.79
CA THR A 34 24.17 -8.59 -5.73
C THR A 34 23.27 -9.49 -4.89
N ALA A 35 22.87 -10.63 -5.45
CA ALA A 35 22.11 -11.61 -4.71
C ALA A 35 23.09 -12.68 -4.28
N GLY A 36 23.16 -12.93 -2.98
CA GLY A 36 24.13 -13.90 -2.44
C GLY A 36 23.53 -15.27 -2.37
N ALA A 37 24.41 -16.23 -2.15
CA ALA A 37 24.03 -17.64 -2.06
C ALA A 37 23.14 -17.94 -0.89
N ASP A 38 23.21 -17.12 0.16
CA ASP A 38 22.45 -17.37 1.39
C ASP A 38 21.12 -16.59 1.42
N GLY A 39 20.77 -15.99 0.31
CA GLY A 39 19.50 -15.22 0.26
C GLY A 39 19.62 -13.68 0.52
N ALA A 40 20.80 -13.18 0.67
CA ALA A 40 20.98 -11.74 0.96
C ALA A 40 20.92 -10.97 -0.33
N LEU A 41 20.41 -9.75 -0.24
CA LEU A 41 20.58 -8.76 -1.36
C LEU A 41 21.35 -7.58 -0.80
N THR A 42 22.34 -7.09 -1.55
CA THR A 42 23.17 -5.99 -1.10
CA THR A 42 23.12 -5.95 -1.09
C THR A 42 23.43 -5.16 -2.35
N GLY A 43 23.49 -3.83 -2.21
CA GLY A 43 23.82 -3.06 -3.43
C GLY A 43 23.77 -1.57 -3.17
N THR A 44 23.62 -0.84 -4.26
CA THR A 44 23.60 0.65 -4.24
C THR A 44 22.47 1.16 -5.14
N TYR A 45 21.63 2.10 -4.64
CA TYR A 45 20.70 2.82 -5.47
CA TYR A 45 20.73 2.87 -5.48
C TYR A 45 21.44 4.11 -5.93
N GLU A 46 21.40 4.41 -7.23
CA GLU A 46 21.90 5.73 -7.69
C GLU A 46 20.90 6.53 -8.57
N ASN A 47 21.05 7.84 -8.67
CA ASN A 47 20.29 8.61 -9.67
C ASN A 47 20.73 8.14 -11.08
N ALA A 48 20.25 8.82 -12.13
CA ALA A 48 20.55 8.43 -13.51
C ALA A 48 22.05 8.33 -13.91
N VAL A 49 22.90 9.25 -13.40
CA VAL A 49 24.31 9.36 -13.85
C VAL A 49 25.36 8.57 -13.01
N GLY A 50 25.16 8.49 -11.68
CA GLY A 50 26.05 7.76 -10.75
C GLY A 50 26.99 8.61 -9.87
N ASN A 51 26.65 9.88 -9.69
CA ASN A 51 27.40 10.85 -8.83
C ASN A 51 27.38 10.47 -7.36
N ALA A 52 28.54 10.55 -6.71
CA ALA A 52 28.73 10.04 -5.35
C ALA A 52 27.64 10.48 -4.33
N GLU A 53 27.27 11.75 -4.36
CA GLU A 53 26.28 12.31 -3.42
C GLU A 53 24.88 11.75 -3.66
N SER A 54 24.67 11.10 -4.78
CA SER A 54 23.34 10.57 -5.13
C SER A 54 23.23 9.03 -4.91
N ARG A 55 24.21 8.40 -4.24
CA ARG A 55 24.24 6.97 -4.11
C ARG A 55 23.88 6.57 -2.66
N TYR A 56 23.03 5.55 -2.54
CA TYR A 56 22.59 5.08 -1.21
C TYR A 56 22.73 3.56 -1.14
N VAL A 57 23.07 3.05 0.04
CA VAL A 57 23.14 1.63 0.30
C VAL A 57 21.76 1.00 0.27
N LEU A 58 21.71 -0.23 -0.23
CA LEU A 58 20.50 -1.05 -0.17
C LEU A 58 20.79 -2.39 0.38
N THR A 59 19.87 -2.89 1.19
CA THR A 59 20.05 -4.22 1.72
CA THR A 59 20.03 -4.25 1.67
C THR A 59 18.68 -4.88 1.76
N GLY A 60 18.64 -6.18 1.47
CA GLY A 60 17.40 -6.90 1.50
C GLY A 60 17.61 -8.42 1.45
N ARG A 61 16.57 -9.07 1.03
CA ARG A 61 16.51 -10.56 1.03
C ARG A 61 15.69 -11.01 -0.19
N TYR A 62 16.00 -12.21 -0.67
CA TYR A 62 15.19 -12.89 -1.70
C TYR A 62 15.12 -14.38 -1.42
N ASP A 63 14.14 -15.00 -2.03
CA ASP A 63 13.94 -16.48 -1.98
C ASP A 63 14.98 -17.15 -2.81
N SER A 64 15.98 -17.74 -2.18
CA SER A 64 17.09 -18.24 -2.94
C SER A 64 16.80 -19.65 -3.51
N ALA A 65 15.63 -20.21 -3.27
CA ALA A 65 15.24 -21.51 -3.89
C ALA A 65 13.80 -21.30 -4.36
N PRO A 66 13.59 -20.51 -5.41
CA PRO A 66 12.19 -20.20 -5.66
C PRO A 66 11.43 -21.38 -6.37
N ALA A 67 10.15 -21.18 -6.65
CA ALA A 67 9.37 -22.23 -7.18
C ALA A 67 9.83 -22.35 -8.62
N THR A 68 9.60 -23.53 -9.16
CA THR A 68 9.93 -23.90 -10.52
C THR A 68 8.69 -24.21 -11.35
N ASP A 69 7.60 -23.49 -11.09
CA ASP A 69 6.30 -23.69 -11.73
C ASP A 69 5.91 -22.57 -12.69
N GLY A 70 6.90 -21.76 -13.08
CA GLY A 70 6.70 -20.51 -13.80
C GLY A 70 6.52 -19.24 -12.98
N SER A 71 6.28 -19.34 -11.66
CA SER A 71 6.17 -18.16 -10.79
CA SER A 71 6.11 -18.13 -10.88
C SER A 71 7.41 -17.34 -10.69
N GLY A 72 7.28 -16.06 -10.42
CA GLY A 72 8.52 -15.29 -10.11
C GLY A 72 9.17 -15.57 -8.76
N THR A 73 10.33 -14.95 -8.55
CA THR A 73 11.08 -15.09 -7.33
C THR A 73 10.87 -13.90 -6.41
N ALA A 74 10.28 -14.12 -5.24
CA ALA A 74 10.02 -13.05 -4.31
C ALA A 74 11.25 -12.42 -3.71
N LEU A 75 11.20 -11.12 -3.50
CA LEU A 75 12.33 -10.44 -2.92
C LEU A 75 11.88 -9.12 -2.30
N GLY A 76 12.79 -8.53 -1.57
CA GLY A 76 12.52 -7.15 -1.02
C GLY A 76 13.77 -6.48 -0.64
N TRP A 77 13.73 -5.15 -0.68
CA TRP A 77 14.97 -4.46 -0.15
C TRP A 77 14.61 -3.09 0.42
N THR A 78 15.54 -2.61 1.24
CA THR A 78 15.38 -1.26 1.83
C THR A 78 16.52 -0.34 1.50
N VAL A 79 16.15 0.92 1.26
CA VAL A 79 17.15 1.99 1.16
C VAL A 79 16.79 2.98 2.24
N ALA A 80 17.70 3.23 3.18
CA ALA A 80 17.53 4.42 4.04
C ALA A 80 18.24 5.59 3.37
N TRP A 81 17.50 6.70 3.19
CA TRP A 81 17.96 7.86 2.35
C TRP A 81 18.96 8.74 3.09
N LYS A 82 19.98 8.11 3.67
CA LYS A 82 21.06 8.84 4.26
C LYS A 82 22.29 8.26 3.68
N ASN A 83 23.21 9.09 3.20
CA ASN A 83 24.54 8.61 2.85
C ASN A 83 25.62 9.48 3.51
N ASN A 84 26.82 9.58 2.92
CA ASN A 84 27.86 10.43 3.55
C ASN A 84 27.62 11.96 3.46
N SER A 85 26.62 12.43 2.72
CA SER A 85 26.44 13.86 2.67
C SER A 85 25.01 14.32 2.69
N LYS A 86 24.06 13.43 2.51
CA LYS A 86 22.68 13.85 2.51
C LYS A 86 21.89 13.00 3.47
N ASN A 87 20.82 13.55 4.01
CA ASN A 87 19.94 12.74 4.82
C ASN A 87 18.49 13.27 4.66
N ALA A 88 17.61 12.45 4.06
CA ALA A 88 16.19 12.86 3.85
C ALA A 88 15.33 12.30 4.98
N HIS A 89 15.96 11.73 5.99
CA HIS A 89 15.16 11.19 7.16
C HIS A 89 13.93 10.37 6.70
N SER A 90 14.21 9.37 5.90
CA SER A 90 13.17 8.49 5.32
C SER A 90 13.79 7.21 4.80
N ALA A 91 12.96 6.21 4.51
CA ALA A 91 13.42 4.90 4.04
C ALA A 91 12.34 4.36 3.12
N THR A 92 12.79 3.75 2.00
CA THR A 92 11.83 3.12 1.10
C THR A 92 12.14 1.63 1.10
N THR A 93 11.06 0.86 1.09
CA THR A 93 11.23 -0.63 0.97
C THR A 93 10.51 -1.01 -0.30
N TRP A 94 11.17 -1.76 -1.16
CA TRP A 94 10.56 -2.33 -2.33
C TRP A 94 10.24 -3.79 -2.02
N SER A 95 9.01 -4.16 -2.33
CA SER A 95 8.57 -5.60 -2.20
C SER A 95 8.09 -6.04 -3.59
N GLY A 96 8.55 -7.21 -4.03
CA GLY A 96 8.15 -7.64 -5.39
C GLY A 96 8.72 -9.03 -5.76
N GLN A 97 8.94 -9.21 -7.06
CA GLN A 97 9.35 -10.46 -7.57
C GLN A 97 10.12 -10.26 -8.86
N TYR A 98 11.15 -11.13 -9.02
CA TYR A 98 11.97 -11.16 -10.20
C TYR A 98 11.36 -12.20 -11.16
N VAL A 99 11.16 -11.81 -12.41
CA VAL A 99 10.53 -12.62 -13.41
C VAL A 99 11.56 -12.72 -14.53
N GLY A 100 11.97 -13.93 -14.86
CA GLY A 100 13.18 -14.14 -15.68
C GLY A 100 12.76 -14.16 -17.13
N GLY A 101 13.61 -14.74 -17.97
CA GLY A 101 13.43 -14.69 -19.43
C GLY A 101 14.34 -13.67 -20.07
N ALA A 102 14.25 -13.55 -21.39
CA ALA A 102 15.06 -12.56 -22.13
C ALA A 102 14.63 -11.13 -21.78
N ASP A 103 13.33 -11.00 -21.52
CA ASP A 103 12.77 -9.75 -21.11
C ASP A 103 12.63 -9.75 -19.59
N ALA A 104 13.73 -9.98 -18.84
CA ALA A 104 13.71 -10.10 -17.34
C ALA A 104 13.39 -8.78 -16.63
N LYS A 105 12.68 -8.85 -15.51
CA LYS A 105 12.13 -7.69 -14.87
C LYS A 105 11.99 -8.00 -13.42
N ILE A 106 11.99 -6.94 -12.61
CA ILE A 106 11.66 -7.03 -11.14
C ILE A 106 10.41 -6.13 -11.03
N ASN A 107 9.29 -6.68 -10.67
CA ASN A 107 8.10 -5.88 -10.60
C ASN A 107 7.89 -5.64 -9.11
N THR A 108 7.80 -4.37 -8.71
CA THR A 108 7.68 -4.08 -7.21
C THR A 108 6.56 -3.08 -6.89
N GLN A 109 6.03 -3.15 -5.68
CA GLN A 109 5.44 -2.04 -5.00
C GLN A 109 6.36 -1.59 -3.89
N TRP A 110 6.22 -0.30 -3.56
CA TRP A 110 7.14 0.28 -2.55
C TRP A 110 6.38 1.15 -1.55
N LEU A 111 7.01 1.28 -0.40
CA LEU A 111 6.57 2.13 0.70
C LEU A 111 7.69 3.03 1.15
N LEU A 112 7.44 4.33 1.11
CA LEU A 112 8.45 5.26 1.59
C LEU A 112 7.97 5.94 2.81
N THR A 113 8.60 5.63 3.94
CA THR A 113 8.21 6.31 5.17
C THR A 113 9.20 7.39 5.54
N SER A 114 8.65 8.58 5.75
CA SER A 114 9.39 9.69 6.40
C SER A 114 9.30 9.70 7.91
N GLY A 115 10.40 9.92 8.61
CA GLY A 115 10.22 10.22 10.05
C GLY A 115 9.29 11.45 10.26
N THR A 116 8.39 11.42 11.24
CA THR A 116 7.43 12.46 11.45
C THR A 116 7.13 12.46 12.93
N THR A 117 6.61 13.58 13.40
CA THR A 117 5.99 13.64 14.73
C THR A 117 4.69 12.77 14.70
N ASN A 118 4.17 12.39 15.86
CA ASN A 118 2.95 11.63 15.85
C ASN A 118 1.78 12.39 15.24
N ALA A 119 1.75 13.71 15.33
CA ALA A 119 0.61 14.45 14.71
C ALA A 119 0.67 14.42 13.18
N ASN A 120 1.85 14.23 12.63
CA ASN A 120 2.00 14.17 11.17
C ASN A 120 2.09 12.76 10.66
N ALA A 121 1.87 11.78 11.53
CA ALA A 121 2.15 10.39 11.16
C ALA A 121 1.17 9.90 10.08
N TRP A 122 -0.05 10.47 10.02
CA TRP A 122 -0.98 10.09 9.01
C TRP A 122 -0.43 10.39 7.61
N LYS A 123 0.50 11.34 7.45
CA LYS A 123 1.10 11.56 6.11
C LYS A 123 2.58 11.16 6.03
N SER A 124 2.97 10.22 6.85
CA SER A 124 4.37 9.74 6.83
C SER A 124 4.80 8.80 5.65
N THR A 125 3.82 8.16 4.99
CA THR A 125 4.10 6.98 4.08
C THR A 125 3.52 7.13 2.70
N LEU A 126 4.43 7.26 1.74
CA LEU A 126 4.03 7.26 0.34
C LEU A 126 3.98 5.76 -0.16
N VAL A 127 3.09 5.49 -1.13
CA VAL A 127 3.07 4.20 -1.76
C VAL A 127 3.27 4.39 -3.28
N GLY A 128 3.97 3.44 -3.87
CA GLY A 128 4.12 3.43 -5.32
C GLY A 128 4.49 2.09 -5.93
N HIS A 129 4.81 2.11 -7.23
CA HIS A 129 5.16 0.87 -7.82
C HIS A 129 6.22 1.19 -8.85
N ASP A 130 7.07 0.20 -9.11
CA ASP A 130 8.04 0.38 -10.18
C ASP A 130 8.44 -0.95 -10.81
N THR A 131 8.66 -0.96 -12.14
CA THR A 131 9.18 -2.13 -12.82
CA THR A 131 9.21 -2.13 -12.76
C THR A 131 10.62 -1.85 -13.17
N PHE A 132 11.50 -2.76 -12.81
CA PHE A 132 12.90 -2.63 -13.15
C PHE A 132 13.22 -3.51 -14.41
N THR A 133 14.02 -2.94 -15.31
CA THR A 133 14.56 -3.61 -16.52
C THR A 133 16.06 -3.81 -16.33
N LYS A 134 16.56 -5.00 -16.70
CA LYS A 134 17.98 -5.28 -16.51
C LYS A 134 18.79 -4.63 -17.62
N VAL A 135 19.88 -3.95 -17.25
CA VAL A 135 20.70 -3.27 -18.28
C VAL A 135 22.13 -3.82 -18.42
N LYS A 136 22.60 -4.49 -17.37
CA LYS A 136 23.91 -5.16 -17.33
C LYS A 136 23.90 -6.32 -16.30
N PRO A 137 24.66 -7.41 -16.58
CA PRO A 137 25.05 -8.44 -15.57
C PRO A 137 25.90 -7.84 -14.43
N GLY B 13 24.95 5.53 20.87
CA GLY B 13 24.16 5.81 19.64
C GLY B 13 22.72 5.67 20.04
N SER B 14 21.98 6.78 19.96
CA SER B 14 20.62 6.83 20.46
C SER B 14 19.55 6.03 19.70
N ALA B 15 19.48 6.23 18.37
CA ALA B 15 18.56 5.44 17.50
C ALA B 15 19.03 3.99 17.52
N GLU B 16 20.36 3.80 17.51
CA GLU B 16 20.95 2.50 17.51
C GLU B 16 20.48 1.74 18.77
N ALA B 17 20.60 2.35 19.95
CA ALA B 17 20.26 1.60 21.17
C ALA B 17 18.76 1.47 21.31
N GLY B 18 18.03 2.45 20.82
CA GLY B 18 16.57 2.46 20.96
C GLY B 18 15.97 1.30 20.13
N ILE B 19 16.43 1.15 18.87
CA ILE B 19 15.89 0.09 17.95
C ILE B 19 16.33 -1.27 18.33
N THR B 20 17.61 -1.45 18.75
CA THR B 20 18.14 -2.73 19.07
C THR B 20 17.42 -3.35 20.26
N GLY B 21 17.01 -4.63 20.09
CA GLY B 21 16.37 -5.41 21.20
C GLY B 21 15.29 -6.33 20.59
N THR B 22 14.42 -6.78 21.46
CA THR B 22 13.36 -7.67 21.10
C THR B 22 12.02 -6.93 21.11
N TRP B 23 11.27 -7.14 20.03
CA TRP B 23 10.00 -6.45 19.82
C TRP B 23 8.89 -7.48 19.58
N SER B 24 7.64 -7.13 19.90
CA SER B 24 6.58 -8.03 19.61
C SER B 24 5.48 -7.23 18.88
N ASP B 25 4.86 -7.83 17.88
CA ASP B 25 3.90 -7.11 17.02
C ASP B 25 2.52 -7.34 17.57
N GLN B 26 1.51 -6.78 16.91
CA GLN B 26 0.14 -6.91 17.35
C GLN B 26 -0.41 -8.35 17.21
N LEU B 27 0.16 -9.15 16.28
CA LEU B 27 -0.27 -10.56 16.09
C LEU B 27 0.32 -11.50 17.16
N GLY B 28 1.25 -11.00 17.96
CA GLY B 28 1.99 -11.88 18.88
C GLY B 28 3.36 -12.39 18.45
N ASP B 29 3.82 -12.04 17.24
CA ASP B 29 5.05 -12.55 16.74
C ASP B 29 6.17 -11.68 17.25
N THR B 30 7.40 -12.23 17.27
CA THR B 30 8.59 -11.60 17.88
C THR B 30 9.69 -11.26 16.83
N PHE B 31 10.27 -10.07 16.97
CA PHE B 31 11.29 -9.65 16.03
CA PHE B 31 11.28 -9.56 16.04
C PHE B 31 12.48 -9.16 16.86
N ILE B 32 13.61 -9.82 16.66
CA ILE B 32 14.82 -9.54 17.42
C ILE B 32 15.67 -8.75 16.41
N VAL B 33 16.08 -7.53 16.74
CA VAL B 33 16.80 -6.71 15.72
C VAL B 33 18.05 -6.09 16.33
N THR B 34 19.07 -5.91 15.52
CA THR B 34 20.29 -5.24 15.94
C THR B 34 20.45 -4.08 14.95
N ALA B 35 20.55 -2.83 15.45
CA ALA B 35 20.80 -1.67 14.59
C ALA B 35 22.27 -1.40 14.73
N GLY B 36 22.94 -1.32 13.60
CA GLY B 36 24.41 -1.20 13.59
C GLY B 36 24.77 0.25 13.49
N ALA B 37 26.05 0.53 13.65
CA ALA B 37 26.50 1.91 13.66
C ALA B 37 26.55 2.46 12.25
N ASP B 38 26.54 1.60 11.23
CA ASP B 38 26.56 2.08 9.85
C ASP B 38 25.14 2.19 9.25
N GLY B 39 24.09 2.06 10.03
CA GLY B 39 22.74 2.17 9.31
C GLY B 39 22.12 0.77 8.98
N ALA B 40 22.82 -0.31 9.30
CA ALA B 40 22.36 -1.70 8.97
C ALA B 40 21.33 -2.15 10.00
N LEU B 41 20.30 -2.90 9.58
CA LEU B 41 19.47 -3.69 10.57
C LEU B 41 19.67 -5.18 10.20
N THR B 42 19.77 -6.07 11.19
CA THR B 42 19.94 -7.53 11.01
CA THR B 42 19.84 -7.54 10.97
C THR B 42 19.17 -8.11 12.20
N GLY B 43 18.62 -9.31 12.05
CA GLY B 43 17.98 -9.96 13.19
C GLY B 43 17.19 -11.16 12.68
N THR B 44 16.16 -11.53 13.41
CA THR B 44 15.35 -12.70 13.07
C THR B 44 13.89 -12.47 13.49
N TYR B 45 12.94 -12.87 12.63
CA TYR B 45 11.55 -12.87 12.98
CA TYR B 45 11.52 -12.94 12.99
C TYR B 45 11.31 -14.29 13.56
N GLU B 46 10.67 -14.35 14.72
CA GLU B 46 10.28 -15.65 15.32
C GLU B 46 8.74 -15.73 15.40
N ASN B 47 8.17 -16.91 15.31
CA ASN B 47 6.73 -17.04 15.51
C ASN B 47 6.39 -16.74 16.98
N ALA B 48 5.12 -16.90 17.33
CA ALA B 48 4.65 -16.54 18.69
C ALA B 48 5.33 -17.26 19.87
N VAL B 49 5.99 -18.41 19.64
CA VAL B 49 6.69 -19.10 20.77
C VAL B 49 8.26 -19.16 20.72
N GLY B 50 8.84 -19.20 19.50
CA GLY B 50 10.32 -19.15 19.30
C GLY B 50 11.09 -20.39 18.79
N ASN B 51 10.39 -21.40 18.26
CA ASN B 51 11.06 -22.64 17.77
C ASN B 51 11.74 -22.54 16.41
N ALA B 52 12.85 -23.26 16.29
CA ALA B 52 13.77 -23.14 15.17
C ALA B 52 13.14 -23.02 13.80
N GLU B 53 12.17 -23.90 13.51
CA GLU B 53 11.57 -23.95 12.17
C GLU B 53 10.70 -22.75 11.86
N SER B 54 10.40 -21.95 12.88
CA SER B 54 9.60 -20.76 12.72
C SER B 54 10.44 -19.45 12.64
N ARG B 55 11.78 -19.54 12.54
CA ARG B 55 12.59 -18.39 12.61
C ARG B 55 13.13 -18.08 11.19
N TYR B 56 13.15 -16.80 10.83
CA TYR B 56 13.62 -16.36 9.52
C TYR B 56 14.52 -15.14 9.74
N VAL B 57 15.48 -14.99 8.84
CA VAL B 57 16.41 -13.88 8.84
C VAL B 57 15.71 -12.61 8.36
N LEU B 58 16.08 -11.47 8.94
CA LEU B 58 15.59 -10.15 8.50
C LEU B 58 16.79 -9.29 8.28
N THR B 59 16.71 -8.47 7.24
CA THR B 59 17.76 -7.49 7.08
CA THR B 59 17.76 -7.51 7.05
C THR B 59 17.14 -6.22 6.51
N GLY B 60 17.69 -5.08 6.92
CA GLY B 60 17.12 -3.81 6.48
C GLY B 60 18.10 -2.67 6.77
N ARG B 61 17.50 -1.50 6.86
CA ARG B 61 18.31 -0.28 7.06
C ARG B 61 17.49 0.70 7.89
N TYR B 62 18.23 1.60 8.56
CA TYR B 62 17.56 2.65 9.32
C TYR B 62 18.37 3.98 9.17
N ASP B 63 17.70 5.10 9.41
CA ASP B 63 18.41 6.44 9.42
C ASP B 63 19.22 6.51 10.68
N SER B 64 20.55 6.37 10.59
CA SER B 64 21.40 6.32 11.77
C SER B 64 21.79 7.73 12.34
N ALA B 65 21.17 8.77 11.80
CA ALA B 65 21.37 10.16 12.31
C ALA B 65 20.04 10.85 12.09
N PRO B 66 19.03 10.46 12.85
CA PRO B 66 17.67 10.94 12.67
C PRO B 66 17.55 12.42 13.07
N ALA B 67 16.40 13.00 12.72
CA ALA B 67 16.14 14.35 13.00
C ALA B 67 15.94 14.42 14.53
N THR B 68 16.18 15.61 15.09
CA THR B 68 16.13 15.82 16.53
C THR B 68 15.03 16.79 16.86
N ASP B 69 13.97 16.70 16.09
CA ASP B 69 12.88 17.62 16.25
C ASP B 69 11.62 17.02 16.82
N GLY B 70 11.71 15.81 17.34
CA GLY B 70 10.53 15.09 17.84
C GLY B 70 10.02 14.02 16.86
N SER B 71 10.46 14.05 15.60
CA SER B 71 10.09 13.05 14.58
CA SER B 71 10.01 13.05 14.64
C SER B 71 10.63 11.69 14.89
N GLY B 72 9.95 10.65 14.43
CA GLY B 72 10.58 9.32 14.54
C GLY B 72 11.77 9.04 13.63
N THR B 73 12.33 7.85 13.79
CA THR B 73 13.51 7.44 13.03
C THR B 73 13.08 6.47 11.95
N ALA B 74 13.26 6.83 10.68
CA ALA B 74 12.76 6.01 9.54
C ALA B 74 13.53 4.76 9.46
N LEU B 75 12.84 3.65 9.10
CA LEU B 75 13.57 2.37 8.94
C LEU B 75 12.79 1.42 8.01
N GLY B 76 13.43 0.34 7.57
CA GLY B 76 12.67 -0.73 6.88
C GLY B 76 13.43 -1.99 6.92
N TRP B 77 12.74 -3.11 6.75
CA TRP B 77 13.49 -4.42 6.73
C TRP B 77 12.68 -5.41 5.92
N THR B 78 13.37 -6.45 5.50
CA THR B 78 12.73 -7.50 4.71
C THR B 78 12.95 -8.83 5.36
N VAL B 79 11.90 -9.63 5.30
CA VAL B 79 12.01 -11.04 5.58
C VAL B 79 11.69 -11.81 4.29
N ALA B 80 12.62 -12.65 3.81
CA ALA B 80 12.21 -13.65 2.78
C ALA B 80 11.77 -14.90 3.57
N TRP B 81 10.61 -15.41 3.25
CA TRP B 81 10.00 -16.52 4.03
C TRP B 81 10.57 -17.88 3.65
N LYS B 82 11.91 -17.99 3.69
CA LYS B 82 12.53 -19.25 3.43
C LYS B 82 13.47 -19.37 4.54
N ASN B 83 13.48 -20.50 5.27
CA ASN B 83 14.60 -20.77 6.20
C ASN B 83 15.21 -22.17 5.88
N ASN B 84 15.81 -22.82 6.87
CA ASN B 84 16.40 -24.13 6.57
C ASN B 84 15.36 -25.29 6.40
N SER B 85 14.09 -25.10 6.70
CA SER B 85 13.21 -26.22 6.53
C SER B 85 11.91 -25.85 5.87
N LYS B 86 11.62 -24.57 5.76
CA LYS B 86 10.34 -24.09 5.12
C LYS B 86 10.59 -23.06 4.01
N ASN B 87 9.62 -22.91 3.12
CA ASN B 87 9.75 -21.91 2.08
C ASN B 87 8.33 -21.62 1.59
N ALA B 88 7.83 -20.40 1.89
CA ALA B 88 6.57 -19.95 1.44
C ALA B 88 6.72 -19.16 0.13
N HIS B 89 7.90 -19.16 -0.49
CA HIS B 89 7.99 -18.41 -1.78
C HIS B 89 7.35 -17.00 -1.76
N SER B 90 7.85 -16.21 -0.84
CA SER B 90 7.24 -14.87 -0.57
C SER B 90 8.22 -14.05 0.30
N ALA B 91 8.02 -12.73 0.37
CA ALA B 91 8.89 -11.86 1.13
C ALA B 91 8.01 -10.74 1.60
N THR B 92 8.23 -10.35 2.88
CA THR B 92 7.53 -9.19 3.41
C THR B 92 8.55 -8.09 3.66
N THR B 93 8.15 -6.88 3.34
CA THR B 93 9.03 -5.69 3.72
C THR B 93 8.21 -4.85 4.65
N TRP B 94 8.78 -4.46 5.80
CA TRP B 94 8.14 -3.51 6.67
C TRP B 94 8.82 -2.12 6.46
N SER B 95 7.99 -1.08 6.31
CA SER B 95 8.51 0.33 6.19
C SER B 95 7.87 1.12 7.32
N GLY B 96 8.68 1.84 8.10
CA GLY B 96 8.06 2.64 9.17
C GLY B 96 9.05 3.55 9.93
N GLN B 97 8.83 3.65 11.25
CA GLN B 97 9.59 4.56 12.08
C GLN B 97 9.54 4.12 13.51
N TYR B 98 10.73 4.23 14.13
CA TYR B 98 10.89 4.06 15.53
C TYR B 98 10.58 5.38 16.24
N VAL B 99 9.79 5.30 17.33
CA VAL B 99 9.33 6.43 18.06
C VAL B 99 9.72 6.09 19.49
N GLY B 100 10.66 6.86 20.07
CA GLY B 100 11.30 6.52 21.36
C GLY B 100 10.43 6.84 22.56
N GLY B 101 11.05 6.81 23.73
CA GLY B 101 10.34 7.21 24.96
C GLY B 101 10.16 6.00 25.86
N ALA B 102 9.51 6.17 27.01
CA ALA B 102 9.39 5.02 27.96
C ALA B 102 8.56 3.96 27.29
N ASP B 103 7.62 4.45 26.48
CA ASP B 103 6.71 3.64 25.69
C ASP B 103 7.12 3.60 24.19
N ALA B 104 8.32 3.10 23.88
CA ALA B 104 8.88 3.13 22.52
C ALA B 104 8.09 2.19 21.58
N LYS B 105 7.99 2.49 20.29
CA LYS B 105 7.19 1.67 19.43
C LYS B 105 7.85 1.82 18.11
N ILE B 106 7.57 0.86 17.22
CA ILE B 106 7.96 0.98 15.79
C ILE B 106 6.62 0.84 15.05
N ASN B 107 6.27 1.87 14.31
CA ASN B 107 4.97 1.88 13.64
C ASN B 107 5.30 1.59 12.18
N THR B 108 4.71 0.53 11.63
CA THR B 108 5.09 0.09 10.24
C THR B 108 3.86 -0.10 9.34
N GLN B 109 4.06 0.00 8.02
CA GLN B 109 3.17 -0.63 7.05
C GLN B 109 3.98 -1.64 6.34
N TRP B 110 3.29 -2.69 5.85
CA TRP B 110 4.09 -3.82 5.25
C TRP B 110 3.48 -4.24 3.92
N LEU B 111 4.34 -4.79 3.08
CA LEU B 111 3.99 -5.38 1.79
C LEU B 111 4.49 -6.82 1.74
N LEU B 112 3.58 -7.77 1.47
CA LEU B 112 3.96 -9.17 1.36
C LEU B 112 3.72 -9.65 -0.02
N THR B 113 4.78 -9.86 -0.78
CA THR B 113 4.67 -10.33 -2.16
C THR B 113 4.95 -11.79 -2.25
N SER B 114 4.00 -12.51 -2.82
CA SER B 114 4.23 -13.93 -3.15
C SER B 114 4.71 -14.04 -4.58
N GLY B 115 5.66 -14.93 -4.83
CA GLY B 115 5.96 -15.25 -6.26
C GLY B 115 4.71 -15.80 -6.99
N THR B 116 4.47 -15.40 -8.26
CA THR B 116 3.29 -15.80 -8.93
C THR B 116 3.69 -15.83 -10.40
N THR B 117 2.84 -16.52 -11.13
CA THR B 117 2.86 -16.51 -12.55
C THR B 117 2.34 -15.09 -13.01
N ASN B 118 2.62 -14.65 -14.23
CA ASN B 118 2.17 -13.32 -14.59
C ASN B 118 0.66 -13.17 -14.56
N ALA B 119 -0.06 -14.27 -14.81
CA ALA B 119 -1.54 -14.24 -14.82
C ALA B 119 -2.07 -13.98 -13.42
N ASN B 120 -1.32 -14.43 -12.41
CA ASN B 120 -1.76 -14.24 -11.02
C ASN B 120 -1.09 -13.05 -10.33
N ALA B 121 -0.37 -12.22 -11.10
CA ALA B 121 0.41 -11.11 -10.49
C ALA B 121 -0.48 -10.09 -9.78
N TRP B 122 -1.71 -9.94 -10.27
CA TRP B 122 -2.59 -8.96 -9.75
C TRP B 122 -2.88 -9.33 -8.29
N LYS B 123 -2.79 -10.61 -7.93
CA LYS B 123 -3.08 -10.96 -6.53
C LYS B 123 -1.82 -11.39 -5.76
N SER B 124 -0.68 -10.92 -6.22
CA SER B 124 0.59 -11.28 -5.60
C SER B 124 0.97 -10.59 -4.25
N THR B 125 0.36 -9.44 -3.93
CA THR B 125 0.88 -8.53 -2.84
C THR B 125 -0.18 -8.17 -1.82
N LEU B 126 0.00 -8.69 -0.62
CA LEU B 126 -0.80 -8.25 0.47
C LEU B 126 -0.21 -6.94 1.07
N VAL B 127 -1.05 -6.10 1.65
CA VAL B 127 -0.57 -4.94 2.38
C VAL B 127 -1.22 -5.00 3.80
N GLY B 128 -0.49 -4.52 4.77
CA GLY B 128 -0.96 -4.45 6.16
C GLY B 128 -0.18 -3.43 6.99
N HIS B 129 -0.42 -3.47 8.30
CA HIS B 129 0.25 -2.56 9.17
C HIS B 129 0.43 -3.28 10.49
N ASP B 130 1.43 -2.82 11.22
CA ASP B 130 1.69 -3.38 12.52
C ASP B 130 2.47 -2.42 13.41
N THR B 131 2.15 -2.41 14.71
CA THR B 131 2.92 -1.68 15.67
C THR B 131 3.66 -2.67 16.56
N PHE B 132 4.97 -2.47 16.64
CA PHE B 132 5.78 -3.25 17.53
C PHE B 132 6.02 -2.51 18.88
N THR B 133 5.92 -3.27 19.97
CA THR B 133 6.24 -2.75 21.30
C THR B 133 7.52 -3.44 21.76
N LYS B 134 8.42 -2.70 22.38
CA LYS B 134 9.64 -3.29 22.84
C LYS B 134 9.41 -4.15 24.08
N VAL B 135 10.09 -5.29 24.11
CA VAL B 135 9.87 -6.36 25.11
C VAL B 135 11.08 -6.54 26.03
N LYS B 136 12.24 -6.18 25.49
CA LYS B 136 13.57 -6.52 26.05
C LYS B 136 14.68 -5.71 25.29
N PRO B 137 15.70 -5.19 26.05
CA PRO B 137 16.92 -4.47 25.58
C PRO B 137 17.71 -5.13 24.44
N GLY C 13 -32.22 -4.64 8.57
CA GLY C 13 -30.91 -5.24 9.03
C GLY C 13 -30.16 -5.77 7.82
N SER C 14 -28.89 -6.22 7.95
CA SER C 14 -28.11 -6.40 9.21
C SER C 14 -26.67 -5.82 9.21
N ALA C 15 -25.90 -6.13 8.16
CA ALA C 15 -24.70 -5.35 7.86
C ALA C 15 -25.20 -3.95 7.55
N GLU C 16 -26.42 -3.87 7.03
CA GLU C 16 -27.07 -2.62 6.78
C GLU C 16 -27.20 -1.79 8.06
N ALA C 17 -27.79 -2.39 9.11
CA ALA C 17 -28.01 -1.70 10.36
C ALA C 17 -26.68 -1.48 11.05
N GLY C 18 -25.77 -2.45 11.01
CA GLY C 18 -24.46 -2.31 11.68
C GLY C 18 -23.57 -1.17 11.15
N ILE C 19 -23.42 -1.09 9.83
CA ILE C 19 -22.71 0.00 9.24
C ILE C 19 -23.29 1.40 9.40
N THR C 20 -24.59 1.57 9.17
CA THR C 20 -25.23 2.85 9.23
C THR C 20 -25.09 3.58 10.57
N GLY C 21 -24.63 4.83 10.53
CA GLY C 21 -24.49 5.56 11.79
C GLY C 21 -23.30 6.49 11.77
N THR C 22 -22.88 6.87 12.95
CA THR C 22 -21.79 7.83 13.11
C THR C 22 -20.58 7.06 13.68
N TRP C 23 -19.44 7.29 13.07
CA TRP C 23 -18.21 6.56 13.42
C TRP C 23 -17.12 7.56 13.73
N SER C 24 -16.18 7.20 14.57
CA SER C 24 -15.10 8.13 14.77
C SER C 24 -13.77 7.40 14.67
N ASP C 25 -12.78 8.01 13.98
CA ASP C 25 -11.48 7.33 13.70
C ASP C 25 -10.44 7.60 14.74
N GLN C 26 -9.25 7.03 14.51
CA GLN C 26 -8.15 7.15 15.47
C GLN C 26 -7.59 8.56 15.62
N LEU C 27 -7.72 9.39 14.59
CA LEU C 27 -7.31 10.79 14.60
C LEU C 27 -8.36 11.74 15.22
N GLY C 28 -9.52 11.21 15.60
CA GLY C 28 -10.63 12.00 16.13
C GLY C 28 -11.68 12.46 15.12
N ASP C 29 -11.43 12.29 13.81
CA ASP C 29 -12.38 12.71 12.79
C ASP C 29 -13.66 11.84 12.78
N THR C 30 -14.70 12.39 12.20
CA THR C 30 -16.01 11.78 12.19
C THR C 30 -16.45 11.34 10.79
N PHE C 31 -17.05 10.15 10.68
CA PHE C 31 -17.75 9.81 9.46
C PHE C 31 -19.18 9.39 9.77
N ILE C 32 -20.12 9.98 9.03
CA ILE C 32 -21.55 9.66 9.17
C ILE C 32 -21.83 8.87 7.87
N VAL C 33 -22.34 7.66 8.00
CA VAL C 33 -22.59 6.83 6.82
C VAL C 33 -23.98 6.21 6.89
N THR C 34 -24.62 6.12 5.74
CA THR C 34 -25.81 5.33 5.61
C THR C 34 -25.55 4.21 4.61
N ALA C 35 -25.83 2.98 5.03
CA ALA C 35 -25.69 1.79 4.15
C ALA C 35 -27.08 1.50 3.61
N GLY C 36 -27.19 1.47 2.28
CA GLY C 36 -28.44 1.22 1.58
C GLY C 36 -28.67 -0.27 1.34
N ALA C 37 -29.90 -0.64 1.14
CA ALA C 37 -30.26 -2.05 1.02
C ALA C 37 -29.76 -2.63 -0.31
N ASP C 38 -29.30 -1.78 -1.23
CA ASP C 38 -28.73 -2.21 -2.49
C ASP C 38 -27.20 -2.22 -2.52
N GLY C 39 -26.55 -2.10 -1.38
CA GLY C 39 -25.04 -2.13 -1.34
C GLY C 39 -24.40 -0.75 -1.38
N ALA C 40 -25.18 0.30 -1.47
CA ALA C 40 -24.58 1.69 -1.56
C ALA C 40 -24.17 2.19 -0.20
N LEU C 41 -23.15 3.04 -0.17
CA LEU C 41 -22.81 3.77 1.06
C LEU C 41 -22.86 5.24 0.65
N THR C 42 -23.46 6.09 1.50
CA THR C 42 -23.48 7.54 1.30
CA THR C 42 -23.40 7.53 1.30
C THR C 42 -23.24 8.21 2.63
N GLY C 43 -22.61 9.37 2.64
CA GLY C 43 -22.53 10.06 3.89
C GLY C 43 -21.67 11.27 3.80
N THR C 44 -21.09 11.64 4.93
CA THR C 44 -20.23 12.81 4.99
C THR C 44 -19.01 12.55 5.90
N TYR C 45 -17.84 13.01 5.52
CA TYR C 45 -16.65 12.91 6.39
C TYR C 45 -16.50 14.31 7.02
N GLU C 46 -16.47 14.41 8.35
CA GLU C 46 -16.21 15.70 9.06
C GLU C 46 -15.05 15.70 10.09
N ASN C 47 -14.82 16.85 10.74
CA ASN C 47 -13.89 16.89 11.87
C ASN C 47 -14.56 16.52 13.22
N ALA C 48 -13.81 16.77 14.29
CA ALA C 48 -14.18 16.36 15.65
C ALA C 48 -15.58 16.82 16.10
N VAL C 49 -15.98 18.02 15.66
CA VAL C 49 -17.15 18.70 16.23
C VAL C 49 -18.28 18.97 15.24
N GLY C 50 -17.96 18.80 13.94
CA GLY C 50 -18.91 18.92 12.84
C GLY C 50 -19.00 20.32 12.24
N ASN C 51 -17.86 21.00 12.23
CA ASN C 51 -17.72 22.33 11.62
C ASN C 51 -18.04 22.22 10.15
N ALA C 52 -18.97 23.05 9.68
CA ALA C 52 -19.47 22.97 8.30
C ALA C 52 -18.40 23.08 7.22
N GLU C 53 -17.35 23.85 7.46
CA GLU C 53 -16.34 24.07 6.42
C GLU C 53 -15.44 22.84 6.21
N SER C 54 -15.58 21.90 7.14
CA SER C 54 -14.77 20.70 7.24
C SER C 54 -15.53 19.40 6.77
N ARG C 55 -16.74 19.57 6.21
CA ARG C 55 -17.55 18.43 5.75
C ARG C 55 -17.36 18.15 4.26
N TYR C 56 -17.31 16.86 3.91
CA TYR C 56 -17.04 16.41 2.52
C TYR C 56 -17.92 15.20 2.30
N VAL C 57 -18.40 15.08 1.08
CA VAL C 57 -19.33 14.04 0.63
C VAL C 57 -18.47 12.78 0.53
N LEU C 58 -19.05 11.66 0.95
CA LEU C 58 -18.40 10.35 0.72
C LEU C 58 -19.43 9.44 0.00
N THR C 59 -18.93 8.60 -0.88
CA THR C 59 -19.75 7.58 -1.55
C THR C 59 -18.98 6.30 -1.69
N GLY C 60 -19.70 5.18 -1.65
CA GLY C 60 -18.97 3.93 -1.65
C GLY C 60 -19.92 2.77 -1.81
N ARG C 61 -19.37 1.61 -1.52
CA ARG C 61 -20.15 0.34 -1.65
C ARG C 61 -19.80 -0.61 -0.55
N TYR C 62 -20.75 -1.51 -0.27
CA TYR C 62 -20.46 -2.60 0.67
C TYR C 62 -21.09 -3.94 0.21
N ASP C 63 -20.52 -5.05 0.72
CA ASP C 63 -21.16 -6.37 0.47
C ASP C 63 -22.48 -6.50 1.21
N SER C 64 -23.60 -6.38 0.50
CA SER C 64 -24.87 -6.40 1.19
C SER C 64 -25.45 -7.81 1.49
N ALA C 65 -24.73 -8.88 1.18
CA ALA C 65 -25.10 -10.20 1.77
C ALA C 65 -23.78 -10.90 2.15
N PRO C 66 -23.18 -10.47 3.29
CA PRO C 66 -21.87 -10.98 3.68
C PRO C 66 -21.96 -12.39 4.28
N ALA C 67 -20.82 -13.02 4.48
CA ALA C 67 -20.77 -14.37 5.03
C ALA C 67 -21.33 -14.28 6.46
N THR C 68 -21.72 -15.41 7.01
CA THR C 68 -22.30 -15.43 8.36
C THR C 68 -21.39 -16.29 9.25
N ASP C 69 -20.25 -16.68 8.71
CA ASP C 69 -19.36 -17.57 9.41
C ASP C 69 -18.45 -16.86 10.38
N GLY C 70 -18.72 -15.59 10.66
CA GLY C 70 -17.90 -14.80 11.59
C GLY C 70 -16.98 -13.81 10.88
N SER C 71 -16.89 -13.89 9.56
CA SER C 71 -16.10 -12.98 8.74
C SER C 71 -16.67 -11.56 8.75
N GLY C 72 -15.81 -10.56 8.59
CA GLY C 72 -16.39 -9.21 8.49
C GLY C 72 -17.01 -8.94 7.14
N THR C 73 -17.66 -7.76 7.04
CA THR C 73 -18.34 -7.34 5.87
C THR C 73 -17.45 -6.37 5.08
N ALA C 74 -17.09 -6.75 3.87
CA ALA C 74 -16.21 -5.90 3.02
C ALA C 74 -16.88 -4.63 2.53
N LEU C 75 -16.12 -3.55 2.51
CA LEU C 75 -16.67 -2.27 2.10
C LEU C 75 -15.58 -1.33 1.63
N GLY C 76 -16.01 -0.24 1.04
CA GLY C 76 -15.00 0.81 0.59
C GLY C 76 -15.71 2.09 0.28
N TRP C 77 -14.99 3.23 0.42
CA TRP C 77 -15.65 4.50 0.03
C TRP C 77 -14.56 5.50 -0.31
N THR C 78 -14.99 6.53 -0.99
CA THR C 78 -14.16 7.64 -1.43
C THR C 78 -14.67 8.98 -0.94
N VAL C 79 -13.72 9.83 -0.60
CA VAL C 79 -13.99 11.24 -0.31
C VAL C 79 -13.06 12.01 -1.25
N ALA C 80 -13.61 12.85 -2.10
CA ALA C 80 -12.75 13.78 -2.83
C ALA C 80 -12.70 15.06 -1.97
N TRP C 81 -11.50 15.54 -1.69
CA TRP C 81 -11.30 16.69 -0.77
C TRP C 81 -11.67 18.09 -1.33
N LYS C 82 -12.89 18.19 -1.86
CA LYS C 82 -13.33 19.42 -2.37
C LYS C 82 -14.74 19.63 -1.83
N ASN C 83 -15.03 20.75 -1.18
CA ASN C 83 -16.43 21.06 -0.77
C ASN C 83 -16.73 22.47 -1.23
N ASN C 84 -17.75 23.09 -0.65
CA ASN C 84 -18.17 24.41 -1.06
C ASN C 84 -17.13 25.52 -0.83
N SER C 85 -16.19 25.35 0.10
CA SER C 85 -15.23 26.43 0.31
C SER C 85 -13.75 26.04 0.21
N LYS C 86 -13.45 24.76 0.14
CA LYS C 86 -12.05 24.28 0.18
C LYS C 86 -11.83 23.27 -0.95
N ASN C 87 -10.62 23.20 -1.52
CA ASN C 87 -10.27 22.15 -2.42
C ASN C 87 -8.81 21.81 -2.26
N ALA C 88 -8.53 20.60 -1.79
CA ALA C 88 -7.14 20.14 -1.63
C ALA C 88 -6.64 19.30 -2.85
N HIS C 89 -7.45 19.20 -3.91
CA HIS C 89 -7.05 18.51 -5.16
C HIS C 89 -6.51 17.14 -4.91
N SER C 90 -7.30 16.37 -4.19
CA SER C 90 -6.88 15.09 -3.69
C SER C 90 -8.14 14.28 -3.33
N ALA C 91 -7.96 12.97 -3.22
CA ALA C 91 -9.07 12.04 -2.94
C ALA C 91 -8.51 10.91 -2.13
N THR C 92 -9.23 10.52 -1.07
CA THR C 92 -8.84 9.36 -0.34
C THR C 92 -9.86 8.23 -0.55
N THR C 93 -9.35 7.02 -0.70
CA THR C 93 -10.27 5.83 -0.63
C THR C 93 -9.89 4.97 0.55
N TRP C 94 -10.91 4.55 1.29
CA TRP C 94 -10.73 3.58 2.30
C TRP C 94 -11.27 2.22 1.85
N SER C 95 -10.48 1.20 2.08
CA SER C 95 -10.96 -0.21 1.82
C SER C 95 -10.87 -0.99 3.12
N GLY C 96 -11.91 -1.68 3.51
CA GLY C 96 -11.89 -2.36 4.79
C GLY C 96 -13.03 -3.31 5.09
N GLN C 97 -13.29 -3.60 6.37
CA GLN C 97 -14.41 -4.44 6.62
C GLN C 97 -14.91 -4.06 7.97
N TYR C 98 -16.22 -4.08 8.04
CA TYR C 98 -17.07 -3.92 9.21
C TYR C 98 -17.10 -5.21 10.02
N VAL C 99 -16.83 -5.09 11.32
CA VAL C 99 -16.91 -6.24 12.23
C VAL C 99 -17.92 -5.80 13.27
N GLY C 100 -19.00 -6.56 13.42
CA GLY C 100 -20.02 -6.24 14.44
C GLY C 100 -19.66 -6.68 15.86
N GLY C 101 -20.66 -6.70 16.71
CA GLY C 101 -20.44 -6.97 18.17
C GLY C 101 -20.82 -5.70 18.92
N ALA C 102 -20.77 -5.73 20.26
CA ALA C 102 -21.14 -4.54 21.05
C ALA C 102 -20.30 -3.28 20.76
N ASP C 103 -18.98 -3.47 20.73
CA ASP C 103 -18.04 -2.42 20.34
C ASP C 103 -17.69 -2.59 18.83
N ALA C 104 -18.60 -2.15 17.99
CA ALA C 104 -18.50 -2.33 16.53
C ALA C 104 -17.31 -1.53 15.92
N LYS C 105 -16.61 -2.13 14.94
CA LYS C 105 -15.46 -1.53 14.26
C LYS C 105 -15.53 -1.67 12.76
N ILE C 106 -14.91 -0.71 12.07
CA ILE C 106 -14.55 -0.83 10.65
C ILE C 106 -13.07 -0.69 10.60
N ASN C 107 -12.40 -1.74 10.15
CA ASN C 107 -10.95 -1.67 10.05
C ASN C 107 -10.66 -1.35 8.59
N THR C 108 -9.85 -0.33 8.36
CA THR C 108 -9.56 0.09 6.99
C THR C 108 -8.09 0.29 6.73
N GLN C 109 -7.74 0.22 5.42
CA GLN C 109 -6.56 0.82 4.87
C GLN C 109 -6.96 1.82 3.86
N TRP C 110 -6.10 2.81 3.67
CA TRP C 110 -6.54 3.91 2.79
C TRP C 110 -5.39 4.37 1.90
N LEU C 111 -5.82 4.98 0.83
CA LEU C 111 -4.99 5.61 -0.19
C LEU C 111 -5.48 6.99 -0.45
N LEU C 112 -4.57 7.96 -0.36
CA LEU C 112 -4.85 9.40 -0.60
C LEU C 112 -3.96 9.84 -1.79
N THR C 113 -4.59 10.06 -2.91
CA THR C 113 -3.80 10.49 -4.13
C THR C 113 -4.06 11.98 -4.27
N SER C 114 -2.98 12.73 -4.46
CA SER C 114 -3.12 14.13 -4.83
C SER C 114 -2.90 14.31 -6.38
N GLY C 115 -3.68 15.18 -7.03
CA GLY C 115 -3.28 15.69 -8.37
C GLY C 115 -1.83 16.14 -8.45
N THR C 116 -1.07 15.60 -9.41
CA THR C 116 0.29 16.02 -9.61
C THR C 116 0.60 16.16 -11.10
N THR C 117 1.68 16.86 -11.40
CA THR C 117 2.34 16.76 -12.71
C THR C 117 2.93 15.34 -12.78
N ASN C 118 3.24 14.88 -13.97
CA ASN C 118 3.85 13.57 -14.18
C ASN C 118 5.22 13.43 -13.51
N ALA C 119 5.95 14.54 -13.41
CA ALA C 119 7.26 14.52 -12.75
C ALA C 119 7.14 14.29 -11.23
N ASN C 120 6.04 14.71 -10.65
CA ASN C 120 5.78 14.46 -9.22
C ASN C 120 4.88 13.29 -8.95
N ALA C 121 4.47 12.58 -9.99
CA ALA C 121 3.48 11.51 -9.81
C ALA C 121 4.05 10.42 -8.87
N TRP C 122 5.38 10.21 -8.82
CA TRP C 122 5.84 9.22 -7.88
C TRP C 122 5.49 9.52 -6.44
N LYS C 123 5.30 10.79 -6.10
CA LYS C 123 4.90 11.09 -4.72
C LYS C 123 3.49 11.59 -4.67
N SER C 124 2.64 11.07 -5.55
CA SER C 124 1.21 11.49 -5.52
C SER C 124 0.39 10.82 -4.41
N THR C 125 0.83 9.67 -3.90
CA THR C 125 -0.10 8.83 -3.08
C THR C 125 0.41 8.43 -1.74
N LEU C 126 -0.31 8.83 -0.72
CA LEU C 126 0.01 8.40 0.67
C LEU C 126 -0.80 7.14 0.97
N VAL C 127 -0.28 6.28 1.86
CA VAL C 127 -1.04 5.12 2.29
C VAL C 127 -1.15 5.17 3.82
N GLY C 128 -2.21 4.65 4.33
CA GLY C 128 -2.35 4.52 5.75
C GLY C 128 -3.38 3.53 6.16
N HIS C 129 -3.69 3.58 7.46
CA HIS C 129 -4.73 2.73 7.97
C HIS C 129 -5.52 3.39 9.09
N ASP C 130 -6.73 2.92 9.30
CA ASP C 130 -7.55 3.47 10.40
C ASP C 130 -8.61 2.53 10.86
N THR C 131 -8.89 2.53 12.17
CA THR C 131 -9.99 1.77 12.77
C THR C 131 -11.05 2.80 13.23
N PHE C 132 -12.28 2.58 12.78
CA PHE C 132 -13.37 3.43 13.17
C PHE C 132 -14.19 2.71 14.24
N THR C 133 -14.58 3.47 15.24
CA THR C 133 -15.41 2.97 16.35
C THR C 133 -16.79 3.64 16.24
N LYS C 134 -17.86 2.87 16.39
CA LYS C 134 -19.19 3.47 16.25
C LYS C 134 -19.55 4.32 17.48
N VAL C 135 -20.16 5.48 17.22
CA VAL C 135 -20.40 6.47 18.29
C VAL C 135 -21.88 6.76 18.50
N LYS C 136 -22.69 6.26 17.59
CA LYS C 136 -24.09 6.67 17.46
C LYS C 136 -24.66 5.87 16.26
N GLY D 13 -17.73 20.64 -18.65
CA GLY D 13 -16.54 20.46 -17.76
C GLY D 13 -15.41 19.67 -18.43
N SER D 14 -14.16 20.09 -18.23
CA SER D 14 -13.03 19.45 -18.91
C SER D 14 -12.71 18.07 -18.29
N ALA D 15 -12.64 18.03 -16.96
CA ALA D 15 -12.38 16.80 -16.24
C ALA D 15 -13.63 15.95 -16.27
N GLU D 16 -14.79 16.58 -16.20
CA GLU D 16 -16.03 15.89 -16.38
C GLU D 16 -16.12 15.12 -17.72
N ALA D 17 -15.83 15.81 -18.83
CA ALA D 17 -15.88 15.16 -20.12
C ALA D 17 -14.69 14.23 -20.31
N GLY D 18 -13.53 14.56 -19.76
CA GLY D 18 -12.37 13.71 -19.91
C GLY D 18 -12.52 12.35 -19.22
N ILE D 19 -13.03 12.35 -18.00
CA ILE D 19 -13.23 11.13 -17.27
C ILE D 19 -14.39 10.27 -17.80
N THR D 20 -15.52 10.88 -18.19
CA THR D 20 -16.66 10.15 -18.71
C THR D 20 -16.38 9.30 -19.96
N GLY D 21 -16.79 8.04 -19.93
CA GLY D 21 -16.43 7.16 -21.08
C GLY D 21 -16.15 5.74 -20.67
N THR D 22 -15.57 5.01 -21.57
CA THR D 22 -15.26 3.61 -21.35
C THR D 22 -13.74 3.51 -21.29
N TRP D 23 -13.25 2.75 -20.34
CA TRP D 23 -11.80 2.68 -20.14
C TRP D 23 -11.39 1.24 -20.13
N SER D 24 -10.16 0.92 -20.51
CA SER D 24 -9.77 -0.45 -20.26
C SER D 24 -8.43 -0.51 -19.54
N ASP D 25 -8.31 -1.47 -18.60
CA ASP D 25 -7.09 -1.56 -17.73
C ASP D 25 -6.07 -2.48 -18.31
N GLN D 26 -4.96 -2.65 -17.57
CA GLN D 26 -3.81 -3.44 -18.05
C GLN D 26 -4.06 -4.93 -18.12
N LEU D 27 -5.08 -5.40 -17.37
CA LEU D 27 -5.49 -6.81 -17.37
C LEU D 27 -6.49 -7.16 -18.49
N GLY D 28 -6.97 -6.16 -19.25
CA GLY D 28 -8.02 -6.39 -20.23
C GLY D 28 -9.45 -6.03 -19.82
N ASP D 29 -9.69 -5.75 -18.54
CA ASP D 29 -11.01 -5.40 -18.06
C ASP D 29 -11.51 -3.97 -18.42
N THR D 30 -12.80 -3.77 -18.28
CA THR D 30 -13.54 -2.62 -18.78
C THR D 30 -14.21 -1.86 -17.64
N PHE D 31 -14.13 -0.54 -17.71
CA PHE D 31 -14.57 0.37 -16.65
C PHE D 31 -15.35 1.41 -17.44
N ILE D 32 -16.64 1.47 -17.19
CA ILE D 32 -17.52 2.41 -17.83
C ILE D 32 -17.91 3.45 -16.76
N VAL D 33 -17.57 4.72 -16.97
CA VAL D 33 -17.77 5.69 -15.85
C VAL D 33 -18.49 6.94 -16.34
N THR D 34 -19.39 7.46 -15.51
CA THR D 34 -19.92 8.77 -15.76
C THR D 34 -19.53 9.72 -14.63
N ALA D 35 -18.89 10.82 -15.01
CA ALA D 35 -18.45 11.85 -14.04
C ALA D 35 -19.53 12.92 -14.13
N GLY D 36 -20.15 13.17 -12.98
CA GLY D 36 -21.23 14.14 -12.84
C GLY D 36 -20.68 15.52 -12.47
N ALA D 37 -21.48 16.52 -12.71
CA ALA D 37 -21.10 17.94 -12.54
C ALA D 37 -20.80 18.26 -11.07
N ASP D 38 -21.33 17.45 -10.15
CA ASP D 38 -21.15 17.67 -8.74
C ASP D 38 -19.99 16.87 -8.16
N GLY D 39 -19.17 16.24 -8.97
CA GLY D 39 -18.01 15.46 -8.31
C GLY D 39 -18.32 13.94 -8.15
N ALA D 40 -19.52 13.49 -8.49
CA ALA D 40 -19.87 12.01 -8.35
C ALA D 40 -19.26 11.23 -9.48
N LEU D 41 -18.87 9.97 -9.23
CA LEU D 41 -18.55 9.05 -10.31
C LEU D 41 -19.52 7.89 -10.15
N THR D 42 -20.09 7.42 -11.27
CA THR D 42 -21.02 6.25 -11.21
C THR D 42 -20.68 5.45 -12.43
N GLY D 43 -20.82 4.14 -12.36
CA GLY D 43 -20.57 3.34 -13.54
C GLY D 43 -20.64 1.86 -13.29
N THR D 44 -19.94 1.13 -14.13
CA THR D 44 -19.98 -0.31 -14.03
C THR D 44 -18.58 -0.86 -14.37
N TYR D 45 -18.15 -1.84 -13.62
CA TYR D 45 -16.90 -2.52 -13.93
C TYR D 45 -17.29 -3.83 -14.64
N GLU D 46 -16.80 -4.07 -15.86
CA GLU D 46 -17.03 -5.38 -16.55
C GLU D 46 -15.78 -6.15 -17.02
N ASN D 47 -15.94 -7.34 -17.62
CA ASN D 47 -14.77 -8.02 -18.23
C ASN D 47 -14.52 -7.50 -19.65
N ALA D 48 -13.60 -8.16 -20.36
CA ALA D 48 -13.15 -7.72 -21.71
C ALA D 48 -14.26 -7.53 -22.77
N VAL D 49 -15.37 -8.24 -22.58
CA VAL D 49 -16.49 -8.24 -23.57
C VAL D 49 -17.85 -7.80 -22.99
N GLY D 50 -17.88 -7.54 -21.67
CA GLY D 50 -19.12 -7.10 -20.97
C GLY D 50 -20.18 -8.19 -20.81
N ASN D 51 -19.71 -9.41 -20.54
CA ASN D 51 -20.59 -10.52 -20.13
C ASN D 51 -21.42 -10.06 -18.94
N ALA D 52 -22.73 -10.17 -19.06
CA ALA D 52 -23.63 -9.65 -18.02
C ALA D 52 -23.31 -10.12 -16.59
N GLU D 53 -22.89 -11.37 -16.44
CA GLU D 53 -22.64 -11.99 -15.11
C GLU D 53 -21.35 -11.42 -14.46
N SER D 54 -20.60 -10.65 -15.26
CA SER D 54 -19.28 -10.11 -14.90
C SER D 54 -19.34 -8.59 -14.63
N ARG D 55 -20.57 -8.05 -14.59
CA ARG D 55 -20.80 -6.60 -14.38
C ARG D 55 -21.09 -6.27 -12.89
N TYR D 56 -20.40 -5.26 -12.36
CA TYR D 56 -20.57 -4.84 -10.96
C TYR D 56 -20.71 -3.30 -10.93
N VAL D 57 -21.44 -2.81 -9.93
CA VAL D 57 -21.72 -1.38 -9.79
C VAL D 57 -20.41 -0.77 -9.25
N LEU D 58 -20.07 0.43 -9.77
CA LEU D 58 -19.06 1.27 -9.15
C LEU D 58 -19.61 2.67 -8.77
N THR D 59 -19.07 3.20 -7.68
CA THR D 59 -19.40 4.54 -7.18
CA THR D 59 -19.37 4.57 -7.22
C THR D 59 -18.16 5.21 -6.63
N GLY D 60 -18.05 6.53 -6.84
CA GLY D 60 -16.85 7.20 -6.42
C GLY D 60 -17.01 8.69 -6.47
N ARG D 61 -15.86 9.34 -6.37
CA ARG D 61 -15.81 10.82 -6.39
C ARG D 61 -14.59 11.30 -7.15
N TYR D 62 -14.69 12.51 -7.67
CA TYR D 62 -13.57 13.15 -8.27
C TYR D 62 -13.52 14.66 -7.95
N ASP D 63 -12.32 15.22 -8.12
CA ASP D 63 -12.14 16.66 -7.95
C ASP D 63 -12.72 17.40 -9.16
N SER D 64 -13.89 18.00 -9.00
CA SER D 64 -14.54 18.63 -10.12
C SER D 64 -14.04 20.06 -10.48
N ALA D 65 -13.11 20.64 -9.71
CA ALA D 65 -12.39 21.87 -10.15
C ALA D 65 -10.89 21.70 -9.88
N PRO D 66 -10.21 20.91 -10.75
CA PRO D 66 -8.82 20.55 -10.53
C PRO D 66 -7.91 21.68 -11.01
N ALA D 67 -6.64 21.56 -10.71
CA ALA D 67 -5.67 22.58 -11.04
C ALA D 67 -5.57 22.61 -12.55
N THR D 68 -5.03 23.69 -13.06
CA THR D 68 -4.90 23.85 -14.50
C THR D 68 -3.43 24.10 -14.78
N ASP D 69 -2.56 23.64 -13.88
CA ASP D 69 -1.14 23.85 -14.03
C ASP D 69 -0.44 22.64 -14.61
N GLY D 70 -1.21 21.76 -15.26
CA GLY D 70 -0.68 20.50 -15.79
C GLY D 70 -0.81 19.29 -14.85
N SER D 71 -1.19 19.50 -13.59
CA SER D 71 -1.46 18.42 -12.62
C SER D 71 -2.65 17.55 -13.08
N GLY D 72 -2.70 16.26 -12.72
CA GLY D 72 -3.98 15.59 -13.11
C GLY D 72 -5.07 15.81 -12.08
N THR D 73 -6.21 15.14 -12.30
CA THR D 73 -7.40 15.34 -11.53
C THR D 73 -7.55 14.16 -10.57
N ALA D 74 -7.54 14.41 -9.27
CA ALA D 74 -7.66 13.31 -8.30
C ALA D 74 -8.99 12.65 -8.33
N LEU D 75 -9.00 11.35 -8.06
CA LEU D 75 -10.30 10.66 -8.08
C LEU D 75 -10.18 9.34 -7.37
N GLY D 76 -11.33 8.74 -7.14
CA GLY D 76 -11.33 7.41 -6.42
C GLY D 76 -12.64 6.72 -6.67
N TRP D 77 -12.66 5.38 -6.67
CA TRP D 77 -13.98 4.70 -6.72
C TRP D 77 -13.89 3.32 -6.06
N THR D 78 -15.08 2.80 -5.76
CA THR D 78 -15.26 1.52 -5.11
C THR D 78 -16.14 0.56 -5.89
N VAL D 79 -15.68 -0.68 -5.99
CA VAL D 79 -16.59 -1.75 -6.47
C VAL D 79 -16.69 -2.80 -5.37
N ALA D 80 -17.91 -3.07 -4.94
CA ALA D 80 -18.13 -4.26 -4.09
C ALA D 80 -18.48 -5.43 -4.98
N TRP D 81 -17.71 -6.51 -4.84
CA TRP D 81 -17.80 -7.67 -5.73
C TRP D 81 -19.03 -8.54 -5.54
N LYS D 82 -20.21 -7.91 -5.55
CA LYS D 82 -21.35 -8.68 -5.41
C LYS D 82 -22.29 -8.12 -6.46
N ASN D 83 -22.88 -9.00 -7.26
CA ASN D 83 -23.93 -8.55 -8.22
C ASN D 83 -25.09 -9.53 -8.17
N ASN D 84 -25.95 -9.55 -9.19
CA ASN D 84 -27.10 -10.44 -9.23
C ASN D 84 -26.83 -11.93 -9.11
N SER D 85 -25.61 -12.36 -9.41
CA SER D 85 -25.40 -13.78 -9.50
C SER D 85 -24.16 -14.26 -8.78
N LYS D 86 -23.28 -13.35 -8.37
CA LYS D 86 -21.98 -13.73 -7.78
C LYS D 86 -21.71 -12.87 -6.51
N ASN D 87 -20.92 -13.38 -5.56
CA ASN D 87 -20.52 -12.56 -4.44
C ASN D 87 -19.20 -13.11 -3.96
N ALA D 88 -18.16 -12.37 -4.22
CA ALA D 88 -16.80 -12.70 -3.76
C ALA D 88 -16.51 -12.17 -2.31
N HIS D 89 -17.50 -11.58 -1.60
CA HIS D 89 -17.27 -11.03 -0.21
C HIS D 89 -16.02 -10.19 -0.07
N SER D 90 -15.93 -9.22 -0.97
CA SER D 90 -14.79 -8.38 -1.13
C SER D 90 -15.16 -7.10 -1.89
N ALA D 91 -14.28 -6.12 -1.80
CA ALA D 91 -14.46 -4.78 -2.34
C ALA D 91 -13.11 -4.23 -2.67
N THR D 92 -12.96 -3.66 -3.89
CA THR D 92 -11.76 -2.95 -4.25
C THR D 92 -12.08 -1.45 -4.31
N THR D 93 -11.12 -0.69 -3.82
CA THR D 93 -11.16 0.79 -4.04
C THR D 93 -9.96 1.12 -4.87
N TRP D 94 -10.18 1.95 -5.84
CA TRP D 94 -9.09 2.52 -6.58
C TRP D 94 -8.92 4.02 -6.28
N SER D 95 -7.67 4.41 -6.11
CA SER D 95 -7.39 5.82 -5.88
C SER D 95 -6.37 6.28 -6.95
N GLY D 96 -6.59 7.43 -7.51
CA GLY D 96 -5.67 7.85 -8.59
C GLY D 96 -5.88 9.20 -9.20
N GLN D 97 -5.40 9.38 -10.43
CA GLN D 97 -5.66 10.65 -11.05
C GLN D 97 -5.75 10.46 -12.55
N TYR D 98 -6.66 11.25 -13.12
CA TYR D 98 -6.90 11.37 -14.52
C TYR D 98 -5.92 12.39 -15.09
N VAL D 99 -5.31 12.03 -16.21
CA VAL D 99 -4.36 12.90 -16.90
C VAL D 99 -4.86 12.92 -18.30
N GLY D 100 -5.21 14.10 -18.80
CA GLY D 100 -5.79 14.25 -20.14
C GLY D 100 -4.73 14.23 -21.24
N GLY D 101 -5.11 14.70 -22.43
CA GLY D 101 -4.27 14.57 -23.65
C GLY D 101 -4.95 13.63 -24.63
N ALA D 102 -4.38 13.50 -25.84
CA ALA D 102 -5.01 12.71 -26.90
C ALA D 102 -5.22 11.25 -26.48
N ASP D 103 -4.22 10.68 -25.83
CA ASP D 103 -4.29 9.33 -25.29
C ASP D 103 -4.43 9.42 -23.73
N ALA D 104 -5.63 9.73 -23.30
CA ALA D 104 -5.91 9.97 -21.87
C ALA D 104 -5.64 8.73 -20.99
N LYS D 105 -5.24 8.96 -19.74
CA LYS D 105 -5.06 7.92 -18.79
C LYS D 105 -5.66 8.22 -17.43
N ILE D 106 -6.00 7.16 -16.72
CA ILE D 106 -6.24 7.23 -15.25
C ILE D 106 -5.18 6.31 -14.62
N ASN D 107 -4.27 6.92 -13.85
CA ASN D 107 -3.27 6.12 -13.14
C ASN D 107 -3.75 5.86 -11.75
N THR D 108 -3.75 4.59 -11.39
CA THR D 108 -4.32 4.25 -10.05
C THR D 108 -3.44 3.29 -9.26
N GLN D 109 -3.72 3.27 -7.94
CA GLN D 109 -3.32 2.23 -6.99
C GLN D 109 -4.58 1.77 -6.39
N TRP D 110 -4.64 0.49 -6.01
CA TRP D 110 -5.90 -0.07 -5.57
C TRP D 110 -5.66 -0.95 -4.34
N LEU D 111 -6.68 -1.04 -3.53
CA LEU D 111 -6.78 -1.89 -2.36
C LEU D 111 -7.93 -2.86 -2.45
N LEU D 112 -7.63 -4.14 -2.31
CA LEU D 112 -8.80 -5.09 -2.36
C LEU D 112 -8.92 -5.79 -1.01
N THR D 113 -10.03 -5.59 -0.34
CA THR D 113 -10.25 -6.15 1.04
C THR D 113 -11.27 -7.25 0.94
N SER D 114 -10.90 -8.44 1.45
CA SER D 114 -11.90 -9.49 1.56
C SER D 114 -12.45 -9.54 3.04
N GLY D 115 -13.75 -9.83 3.22
CA GLY D 115 -14.27 -10.16 4.56
C GLY D 115 -13.47 -11.33 5.14
N THR D 116 -12.95 -11.18 6.36
CA THR D 116 -12.29 -12.23 6.98
C THR D 116 -12.69 -12.30 8.42
N THR D 117 -12.31 -13.43 8.98
CA THR D 117 -12.35 -13.70 10.38
C THR D 117 -11.24 -12.81 11.01
N ASN D 118 -11.32 -12.49 12.30
CA ASN D 118 -10.23 -11.72 12.92
C ASN D 118 -8.87 -12.37 12.82
N ALA D 119 -8.83 -13.69 12.84
CA ALA D 119 -7.59 -14.42 12.83
C ALA D 119 -6.92 -14.33 11.44
N ASN D 120 -7.72 -14.15 10.41
CA ASN D 120 -7.17 -14.02 9.06
C ASN D 120 -7.17 -12.59 8.60
N ALA D 121 -7.46 -11.63 9.49
CA ALA D 121 -7.53 -10.20 9.03
C ALA D 121 -6.17 -9.79 8.49
N TRP D 122 -5.10 -10.39 9.02
CA TRP D 122 -3.85 -9.93 8.53
C TRP D 122 -3.70 -10.14 7.04
N LYS D 123 -4.36 -11.14 6.47
CA LYS D 123 -4.23 -11.31 5.01
C LYS D 123 -5.53 -10.93 4.30
N SER D 124 -6.25 -9.96 4.84
CA SER D 124 -7.51 -9.54 4.19
C SER D 124 -7.33 -8.65 2.93
N THR D 125 -6.17 -8.02 2.80
CA THR D 125 -6.05 -6.93 1.82
C THR D 125 -4.94 -7.01 0.83
N LEU D 126 -5.32 -7.08 -0.42
CA LEU D 126 -4.36 -7.01 -1.52
C LEU D 126 -4.22 -5.55 -1.95
N VAL D 127 -3.01 -5.24 -2.38
CA VAL D 127 -2.64 -3.94 -3.01
C VAL D 127 -2.10 -4.15 -4.45
N GLY D 128 -2.44 -3.24 -5.33
CA GLY D 128 -1.83 -3.23 -6.66
C GLY D 128 -1.96 -1.90 -7.35
N HIS D 129 -1.76 -1.91 -8.67
CA HIS D 129 -1.85 -0.71 -9.42
C HIS D 129 -2.35 -1.01 -10.83
N ASP D 130 -3.04 -0.04 -11.40
CA ASP D 130 -3.50 -0.16 -12.76
C ASP D 130 -3.54 1.16 -13.48
N THR D 131 -3.16 1.17 -14.78
CA THR D 131 -3.34 2.31 -15.67
C THR D 131 -4.50 1.99 -16.65
N PHE D 132 -5.53 2.84 -16.63
CA PHE D 132 -6.60 2.74 -17.57
C PHE D 132 -6.39 3.65 -18.78
N THR D 133 -6.74 3.13 -19.94
CA THR D 133 -6.60 3.83 -21.22
C THR D 133 -8.03 4.05 -21.74
N LYS D 134 -8.33 5.23 -22.25
CA LYS D 134 -9.69 5.45 -22.68
C LYS D 134 -9.93 4.75 -24.01
N VAL D 135 -11.12 4.17 -24.18
CA VAL D 135 -11.43 3.49 -25.42
C VAL D 135 -12.56 4.19 -26.16
N LYS D 136 -13.58 4.58 -25.44
CA LYS D 136 -14.67 5.39 -26.01
C LYS D 136 -15.21 6.43 -24.97
N PRO D 137 -15.85 7.55 -25.45
CA PRO D 137 -16.71 8.41 -24.59
C PRO D 137 -18.21 8.23 -24.89
OAW ZOF E . 6.51 15.87 -0.62
CAV ZOF E . 6.36 14.96 0.25
OAX ZOF E . 5.31 14.30 0.48
CAU ZOF E . 7.58 14.63 1.12
CAT ZOF E . 8.53 13.71 0.32
CAS ZOF E . 9.22 12.76 1.28
CAR ZOF E . 10.34 12.04 0.53
CAQ ZOF E . 11.66 12.14 1.32
NAO ZOF E . 12.65 11.20 0.78
CAN ZOF E . 13.18 11.28 -0.48
OAP ZOF E . 12.89 12.14 -1.32
CAM ZOF E . 14.23 10.21 -0.80
CAL ZOF E . 14.21 9.80 -2.29
CAK ZOF E . 12.97 8.89 -2.54
CAI ZOF E . 12.96 8.49 -4.03
CAH ZOF E . 11.74 7.50 -4.21
SAG ZOF E . 11.99 5.79 -3.66
CAF ZOF E . 10.48 5.26 -4.46
CAC ZOF E . 10.55 5.97 -5.87
CAD ZOF E . 11.26 7.32 -5.70
NAE ZOF E . 12.44 7.24 -6.60
CAA ZOF E . 12.42 6.03 -7.20
NAJ ZOF E . 13.38 5.66 -8.05
NAB ZOF E . 11.39 5.24 -6.82
OAW ZOF F . -3.83 -14.66 0.28
CAV ZOF F . -2.76 -14.78 -0.37
OAX ZOF F . -2.38 -14.01 -1.28
CAU ZOF F . -1.86 -16.00 -0.01
CAT ZOF F . -0.96 -15.71 1.22
CAS ZOF F . 0.50 -15.86 0.79
CAR ZOF F . 1.42 -15.70 2.00
CAQ ZOF F . 2.63 -16.63 1.93
NAO ZOF F . 3.64 -16.27 2.94
CAN ZOF F . 3.47 -16.45 4.27
OAP ZOF F . 2.46 -16.91 4.82
CAM ZOF F . 4.71 -16.11 5.12
CAL ZOF F . 4.32 -15.57 6.53
CAK ZOF F . 3.87 -14.10 6.42
CAI ZOF F . 3.34 -13.59 7.82
CAH ZOF F . 2.96 -12.07 7.63
SAG ZOF F . 4.34 -10.89 7.46
CAF ZOF F . 3.27 -9.46 7.66
CAC ZOF F . 2.30 -9.92 8.84
CAD ZOF F . 2.13 -11.47 8.81
NAE ZOF F . 2.62 -11.93 10.10
CAA ZOF F . 3.05 -10.88 10.82
NAJ ZOF F . 3.55 -11.02 12.08
NAB ZOF F . 2.90 -9.69 10.20
OAW ZOF G . 1.90 17.60 2.90
CAV ZOF G . 2.07 16.54 2.23
OAX ZOF G . 2.95 15.68 2.45
CAU ZOF G . 1.11 16.29 1.04
CAT ZOF G . -0.22 15.66 1.52
CAS ZOF G . -1.38 16.51 1.07
CAR ZOF G . -2.74 15.83 1.35
CAQ ZOF G . -3.82 16.62 0.61
NAO ZOF G . -5.19 16.32 1.08
CAN ZOF G . -5.61 16.57 2.33
OAP ZOF G . -4.87 17.06 3.19
CAM ZOF G . -7.08 16.27 2.60
CAL ZOF G . -7.33 15.68 4.02
CAK ZOF G . -6.69 14.27 4.13
CAI ZOF G . -6.96 13.66 5.51
CAH ZOF G . -6.44 12.22 5.49
SAG ZOF G . -7.62 11.04 4.80
CAF ZOF G . -6.73 9.65 5.45
CAC ZOF G . -6.41 10.13 6.90
CAD ZOF G . -6.21 11.68 6.92
NAE ZOF G . -7.23 12.18 7.84
CAA ZOF G . -7.96 11.16 8.29
NAJ ZOF G . -8.95 11.32 9.20
NAB ZOF G . -7.57 9.97 7.82
O1 P6G H . -19.35 22.50 2.28
C2 P6G H . -19.77 21.10 2.20
C3 P6G H . -20.51 20.81 0.87
O4 P6G H . -20.02 19.74 0.02
C5 P6G H . -20.39 19.99 -1.35
C6 P6G H . -19.54 19.20 -2.34
O7 P6G H . -18.88 20.09 -3.21
C8 P6G H . -18.42 19.54 -4.46
C9 P6G H . -18.11 20.66 -5.50
O10 P6G H . -18.62 20.43 -6.85
C11 P6G H . -18.72 21.60 -7.73
C12 P6G H . -17.54 21.81 -8.71
O13 P6G H . -17.33 23.15 -9.30
C14 P6G H . -16.94 24.19 -8.35
C15 P6G H . -15.73 25.08 -8.68
O16 P6G H . -14.99 25.60 -7.54
OAW ZOF I . -5.27 -14.72 -2.89
CAV ZOF I . -5.84 -13.95 -2.06
OAX ZOF I . -5.26 -13.20 -1.24
CAU ZOF I . -7.38 -13.91 -2.04
CAT ZOF I . -7.96 -13.32 -3.35
CAS ZOF I . -9.24 -12.58 -3.00
CAR ZOF I . -10.00 -12.04 -4.24
CAQ ZOF I . -11.50 -11.86 -3.90
NAO ZOF I . -12.22 -10.96 -4.85
CAN ZOF I . -12.16 -11.08 -6.20
OAP ZOF I . -11.61 -12.01 -6.78
CAM ZOF I . -13.02 -10.07 -7.00
CAL ZOF I . -12.34 -9.66 -8.33
CAK ZOF I . -11.17 -8.70 -8.02
CAI ZOF I . -10.49 -8.25 -9.32
CAH ZOF I . -9.28 -7.36 -8.94
SAG ZOF I . -9.73 -5.64 -8.61
CAF ZOF I . -8.03 -5.10 -8.66
CAC ZOF I . -7.54 -5.84 -9.96
CAD ZOF I . -8.28 -7.23 -10.11
NAE ZOF I . -8.98 -7.14 -11.39
CAA ZOF I . -8.69 -5.96 -11.95
NAJ ZOF I . -9.17 -5.65 -13.16
NAB ZOF I . -7.91 -5.16 -11.19
O1 P6G J . -25.48 -8.37 -12.03
C2 P6G J . -25.31 -6.92 -12.11
C3 P6G J . -26.19 -6.20 -11.08
O4 P6G J . -25.55 -5.60 -9.91
C5 P6G J . -26.53 -5.56 -8.85
C6 P6G J . -25.91 -5.19 -7.52
O7 P6G J . -26.01 -6.31 -6.66
C8 P6G J . -26.02 -5.95 -5.27
C9 P6G J . -26.87 -6.89 -4.41
O10 P6G J . -27.71 -6.19 -3.45
C11 P6G J . -28.72 -6.98 -2.75
C12 P6G J . -28.19 -7.83 -1.59
O13 P6G J . -29.06 -8.91 -1.16
C14 P6G J . -28.99 -10.15 -1.93
C15 P6G J . -28.52 -11.44 -1.26
O16 P6G J . -27.95 -12.39 -2.21
#